data_4M8B
#
_entry.id   4M8B
#
_cell.length_a   90.293
_cell.length_b   103.401
_cell.length_c   73.178
_cell.angle_alpha   90.00
_cell.angle_beta   90.00
_cell.angle_gamma   90.00
#
_symmetry.space_group_name_H-M   'P 21 21 21'
#
loop_
_entity.id
_entity.type
_entity.pdbx_description
1 polymer 'Chain A of dsDNA containing the cis-regulatory element'
2 polymer 'Chain B of dsDNA containing the cis-regulatory element'
3 polymer YHR177W
4 non-polymer 1,2-ETHANEDIOL
5 water water
#
loop_
_entity_poly.entity_id
_entity_poly.type
_entity_poly.pdbx_seq_one_letter_code
_entity_poly.pdbx_strand_id
1 'polydeoxyribonucleotide' (DG)(DC)(DG)(DC)(DG)(DT)(DT)(DA)(DG)(DT)(DG)(DT)(DT)(DT)(DA)(DC)(DG)(DC)(DG)(DG) A
2 'polydeoxyribonucleotide' (DC)(DG)(DC)(DG)(DT)(DA)(DA)(DA)(DC)(DA)(DC)(DT)(DA)(DA)(DC)(DG)(DC)(DG)(DC)(DC) B
3 'polypeptide(L)'
;GPSSPGPTCYGYIDDEQDLALVFQGVFNGNLRCIERRPYDAEKVELVNPGNIFVFNEEKSGIKRWTDGFSWSPSRISGKF
LVYREYNRLGSTHDLPLHNVPEYNIFERAHRKYFYTGLLKKTFSLKFNMDPTDSTKLETFHLIAYYTEKDIHQGSLRRPS
ENPFFHKFRPSQKLLDALQKVAVGNGRSNPSKNNERGRTKAH
;
R
#
# COMPACT_ATOMS: atom_id res chain seq x y z
N SER C 3 -12.49 -13.42 9.45
CA SER C 3 -13.72 -12.76 9.01
C SER C 3 -13.52 -11.97 7.70
N SER C 4 -14.59 -11.46 7.12
CA SER C 4 -14.64 -11.31 5.67
C SER C 4 -14.52 -10.02 4.76
N PRO C 5 -14.67 -8.71 5.29
CA PRO C 5 -14.31 -7.67 4.32
C PRO C 5 -12.84 -7.71 3.91
N GLY C 6 -12.65 -7.53 2.62
CA GLY C 6 -11.40 -7.81 2.01
C GLY C 6 -10.85 -6.67 1.26
N PRO C 7 -9.93 -6.94 0.38
CA PRO C 7 -9.20 -5.86 -0.24
C PRO C 7 -9.98 -5.03 -1.17
N THR C 8 -9.52 -3.84 -1.41
CA THR C 8 -10.22 -2.89 -2.23
C THR C 8 -10.03 -3.15 -3.67
N CYS C 9 -8.92 -3.66 -4.00
CA CYS C 9 -8.67 -4.24 -5.32
C CYS C 9 -7.44 -5.14 -5.27
N TYR C 10 -7.14 -5.78 -6.40
CA TYR C 10 -6.01 -6.69 -6.48
C TYR C 10 -5.02 -6.22 -7.53
N GLY C 11 -3.73 -6.29 -7.19
CA GLY C 11 -2.68 -5.95 -8.13
C GLY C 11 -1.41 -5.44 -7.48
N TYR C 12 -0.63 -4.68 -8.25
CA TYR C 12 0.62 -4.11 -7.78
C TYR C 12 0.76 -2.66 -8.22
N ILE C 13 1.10 -1.78 -7.28
CA ILE C 13 1.26 -0.36 -7.57
C ILE C 13 2.72 -0.04 -7.86
N ASP C 14 2.99 0.53 -9.04
CA ASP C 14 4.36 0.89 -9.41
C ASP C 14 4.57 2.40 -9.48
N ASP C 15 3.64 3.09 -10.14
CA ASP C 15 3.76 4.53 -10.33
C ASP C 15 2.43 5.27 -10.09
N GLU C 16 2.43 6.58 -10.37
CA GLU C 16 1.26 7.41 -10.10
C GLU C 16 0.05 7.07 -10.98
N GLN C 17 0.31 6.47 -12.14
CA GLN C 17 -0.77 6.08 -13.02
C GLN C 17 -1.56 4.92 -12.41
N ASP C 18 -0.83 4.00 -11.77
CA ASP C 18 -1.47 2.92 -11.05
C ASP C 18 -2.30 3.44 -9.88
N LEU C 19 -1.74 4.38 -9.13
CA LEU C 19 -2.45 5.00 -8.01
C LEU C 19 -3.72 5.70 -8.45
N ALA C 20 -3.61 6.45 -9.55
CA ALA C 20 -4.71 7.28 -10.02
C ALA C 20 -5.94 6.45 -10.37
N LEU C 21 -5.69 5.31 -11.00
CA LEU C 21 -6.77 4.41 -11.40
C LEU C 21 -7.51 3.84 -10.17
N VAL C 22 -6.75 3.42 -9.17
CA VAL C 22 -7.33 2.88 -7.94
C VAL C 22 -8.19 3.93 -7.22
N PHE C 23 -7.60 5.10 -7.00
CA PHE C 23 -8.31 6.21 -6.37
C PHE C 23 -9.57 6.59 -7.13
N GLN C 24 -9.46 6.73 -8.45
CA GLN C 24 -10.61 7.10 -9.27
C GLN C 24 -11.69 6.04 -9.16
N GLY C 25 -11.27 4.78 -9.15
CA GLY C 25 -12.19 3.66 -8.99
C GLY C 25 -12.91 3.72 -7.66
N VAL C 26 -12.24 4.26 -6.65
CA VAL C 26 -12.84 4.41 -5.32
C VAL C 26 -13.80 5.61 -5.30
N PHE C 27 -13.39 6.70 -5.94
CA PHE C 27 -14.23 7.89 -6.03
C PHE C 27 -15.55 7.59 -6.75
N ASN C 28 -15.48 6.75 -7.78
CA ASN C 28 -16.66 6.37 -8.55
C ASN C 28 -17.57 5.41 -7.78
N GLY C 29 -16.98 4.62 -6.89
CA GLY C 29 -17.74 3.70 -6.07
C GLY C 29 -17.64 2.24 -6.48
N ASN C 30 -16.88 1.98 -7.54
CA ASN C 30 -16.68 0.61 -8.01
C ASN C 30 -15.78 -0.17 -7.07
N LEU C 31 -14.75 0.50 -6.58
CA LEU C 31 -13.80 -0.09 -5.64
C LEU C 31 -14.17 0.35 -4.23
N ARG C 32 -14.42 -0.62 -3.36
CA ARG C 32 -14.92 -0.30 -2.02
C ARG C 32 -13.81 -0.05 -1.01
N CYS C 33 -13.89 1.06 -0.29
N CYS C 33 -13.91 1.06 -0.30
CA CYS C 33 -12.88 1.39 0.71
CA CYS C 33 -12.97 1.43 0.76
C CYS C 33 -13.13 0.61 2.00
C CYS C 33 -13.07 0.48 1.95
N ILE C 34 -12.13 0.62 2.88
CA ILE C 34 -12.24 -0.03 4.18
C ILE C 34 -12.95 0.93 5.13
N GLU C 35 -14.04 0.46 5.74
CA GLU C 35 -14.88 1.36 6.53
C GLU C 35 -14.67 1.27 8.05
N ARG C 36 -13.97 0.22 8.48
CA ARG C 36 -13.67 0.03 9.89
C ARG C 36 -12.36 -0.73 10.06
N ARG C 37 -11.70 -0.54 11.20
CA ARG C 37 -10.47 -1.24 11.50
C ARG C 37 -10.74 -2.74 11.56
N PRO C 38 -9.85 -3.53 10.94
CA PRO C 38 -9.94 -4.99 10.98
C PRO C 38 -9.83 -5.52 12.41
N TYR C 39 -10.46 -6.65 12.68
CA TYR C 39 -10.31 -7.32 13.97
C TYR C 39 -9.02 -8.12 13.98
N ASP C 40 -8.62 -8.61 15.14
CA ASP C 40 -7.36 -9.33 15.29
C ASP C 40 -7.23 -10.50 14.32
N ALA C 41 -8.31 -11.26 14.16
CA ALA C 41 -8.31 -12.43 13.28
C ALA C 41 -8.38 -12.04 11.81
N GLU C 42 -8.93 -10.86 11.54
CA GLU C 42 -9.01 -10.33 10.19
C GLU C 42 -7.65 -9.84 9.71
N LYS C 43 -6.82 -9.42 10.64
CA LYS C 43 -5.51 -8.83 10.31
C LYS C 43 -4.58 -9.84 9.63
N VAL C 44 -4.65 -11.09 10.05
CA VAL C 44 -3.79 -12.14 9.50
C VAL C 44 -4.01 -12.33 8.01
N GLU C 45 -5.25 -12.13 7.57
CA GLU C 45 -5.62 -12.36 6.18
C GLU C 45 -5.32 -11.16 5.28
N LEU C 46 -5.06 -10.02 5.85
CA LEU C 46 -4.90 -8.81 5.11
C LEU C 46 -3.76 -8.87 4.19
N VAL C 47 -2.79 -9.57 4.66
CA VAL C 47 -1.46 -9.33 4.32
C VAL C 47 -1.05 -10.09 3.11
N ASN C 48 -1.98 -10.67 2.42
CA ASN C 48 -1.70 -11.43 1.24
C ASN C 48 -1.20 -10.61 0.11
N PRO C 49 -0.18 -11.20 -0.63
CA PRO C 49 0.29 -10.42 -1.77
C PRO C 49 -0.70 -10.10 -2.83
N GLY C 50 -0.66 -8.92 -3.39
CA GLY C 50 -1.66 -8.49 -4.35
C GLY C 50 -2.79 -7.71 -3.71
N ASN C 51 -2.91 -7.80 -2.39
CA ASN C 51 -3.94 -7.07 -1.67
C ASN C 51 -3.68 -5.57 -1.64
N ILE C 52 -4.68 -4.79 -2.03
CA ILE C 52 -4.59 -3.34 -1.94
C ILE C 52 -5.75 -2.82 -1.12
N PHE C 53 -5.46 -1.89 -0.21
CA PHE C 53 -6.50 -1.30 0.62
C PHE C 53 -6.50 0.21 0.50
N VAL C 54 -7.70 0.79 0.44
CA VAL C 54 -7.86 2.23 0.48
C VAL C 54 -8.91 2.57 1.51
N PHE C 55 -8.64 3.57 2.33
CA PHE C 55 -9.62 4.05 3.30
C PHE C 55 -9.59 5.55 3.47
N ASN C 56 -10.76 6.13 3.67
CA ASN C 56 -10.89 7.54 3.99
C ASN C 56 -10.61 7.74 5.48
N GLU C 57 -9.65 8.59 5.81
CA GLU C 57 -9.27 8.81 7.20
C GLU C 57 -10.42 9.34 8.04
N GLU C 58 -11.12 10.35 7.52
CA GLU C 58 -12.23 10.97 8.24
C GLU C 58 -13.43 10.04 8.41
N LYS C 59 -13.84 9.39 7.32
CA LYS C 59 -15.04 8.56 7.33
C LYS C 59 -14.87 7.22 8.04
N SER C 60 -13.64 6.80 8.28
CA SER C 60 -13.39 5.50 8.88
C SER C 60 -12.78 5.60 10.27
N GLY C 61 -12.14 6.72 10.55
CA GLY C 61 -11.51 6.93 11.84
C GLY C 61 -10.15 6.27 11.95
N ILE C 62 -9.64 5.77 10.82
CA ILE C 62 -8.31 5.18 10.78
C ILE C 62 -7.28 6.21 10.33
N LYS C 63 -6.27 6.45 11.16
CA LYS C 63 -5.21 7.38 10.83
C LYS C 63 -3.91 6.63 10.58
N ARG C 64 -3.78 5.47 11.21
CA ARG C 64 -2.64 4.60 10.99
C ARG C 64 -3.10 3.15 10.78
N TRP C 65 -2.61 2.54 9.71
CA TRP C 65 -3.00 1.19 9.35
C TRP C 65 -2.21 0.18 10.16
N THR C 66 -2.90 -0.74 10.83
CA THR C 66 -2.24 -1.76 11.65
C THR C 66 -2.61 -3.17 11.22
N ASP C 67 -1.60 -3.96 10.87
CA ASP C 67 -1.84 -5.34 10.43
C ASP C 67 -1.27 -6.37 11.40
N GLY C 68 -0.67 -5.90 12.49
CA GLY C 68 -0.18 -6.78 13.53
C GLY C 68 1.11 -7.52 13.21
N PHE C 69 1.74 -7.19 12.08
CA PHE C 69 2.99 -7.85 11.71
C PHE C 69 4.19 -7.01 12.11
N SER C 70 5.38 -7.60 11.98
CA SER C 70 6.63 -6.89 12.30
C SER C 70 7.23 -6.25 11.05
N TRP C 71 7.43 -4.94 11.10
CA TRP C 71 7.91 -4.20 9.95
C TRP C 71 9.22 -3.48 10.22
N SER C 72 10.04 -3.35 9.18
CA SER C 72 11.27 -2.59 9.27
C SER C 72 10.93 -1.11 9.40
N PRO C 73 11.94 -0.28 9.69
CA PRO C 73 11.73 1.18 9.66
C PRO C 73 11.39 1.59 8.23
N SER C 74 10.64 2.68 8.08
CA SER C 74 10.22 3.13 6.76
C SER C 74 11.39 3.58 5.89
N ARG C 75 11.34 3.21 4.60
CA ARG C 75 12.25 3.75 3.60
C ARG C 75 11.42 4.45 2.53
N ILE C 76 12.02 5.39 1.81
CA ILE C 76 11.30 6.10 0.76
C ILE C 76 11.61 5.52 -0.62
N SER C 77 10.57 5.37 -1.43
CA SER C 77 10.72 4.92 -2.81
C SER C 77 9.81 5.79 -3.67
N GLY C 78 10.37 6.89 -4.17
CA GLY C 78 9.58 7.86 -4.90
C GLY C 78 8.71 8.64 -3.94
N LYS C 79 7.40 8.49 -4.08
CA LYS C 79 6.47 9.13 -3.16
C LYS C 79 5.84 8.11 -2.24
N PHE C 80 6.32 6.87 -2.32
CA PHE C 80 5.82 5.78 -1.49
C PHE C 80 6.69 5.57 -0.26
N LEU C 81 6.10 5.06 0.81
CA LEU C 81 6.85 4.53 1.92
C LEU C 81 6.88 3.01 1.79
N VAL C 82 8.02 2.40 2.08
CA VAL C 82 8.16 0.95 1.97
C VAL C 82 8.61 0.34 3.28
N TYR C 83 8.06 -0.83 3.60
CA TYR C 83 8.41 -1.53 4.83
C TYR C 83 8.67 -3.01 4.54
N ARG C 84 9.53 -3.63 5.35
CA ARG C 84 9.86 -5.04 5.16
C ARG C 84 9.50 -5.87 6.39
N GLU C 85 8.86 -7.02 6.17
CA GLU C 85 8.50 -7.90 7.27
C GLU C 85 9.72 -8.71 7.71
N TYR C 86 9.87 -8.88 9.02
CA TYR C 86 10.98 -9.65 9.57
C TYR C 86 10.53 -10.55 10.72
N ASN C 87 11.15 -11.73 10.81
CA ASN C 87 10.91 -12.65 11.92
C ASN C 87 12.22 -13.09 12.57
N ARG C 88 12.13 -13.93 13.59
CA ARG C 88 13.31 -14.49 14.23
C ARG C 88 13.51 -15.96 13.85
N LEU C 89 14.75 -16.43 13.97
CA LEU C 89 15.10 -17.77 13.50
C LEU C 89 14.57 -18.89 14.40
N GLY C 90 14.97 -20.13 14.10
CA GLY C 90 14.51 -21.29 14.85
C GLY C 90 15.29 -21.52 16.14
N SER C 91 16.18 -22.51 16.12
CA SER C 91 16.42 -23.31 14.93
C SER C 91 15.54 -24.56 14.90
N HIS C 98 14.72 -25.63 7.79
CA HIS C 98 14.44 -24.20 7.78
C HIS C 98 15.69 -23.39 7.45
N ASN C 99 15.64 -22.66 6.34
CA ASN C 99 16.75 -21.79 5.96
C ASN C 99 16.32 -20.65 5.04
N VAL C 100 17.08 -19.55 5.09
CA VAL C 100 16.81 -18.39 4.24
C VAL C 100 18.13 -17.77 3.80
N PRO C 101 18.10 -16.98 2.71
CA PRO C 101 19.26 -16.29 2.15
C PRO C 101 20.07 -15.53 3.20
N GLU C 102 21.38 -15.40 2.97
CA GLU C 102 22.28 -14.77 3.93
C GLU C 102 22.05 -13.27 4.09
N TYR C 103 22.04 -12.56 2.97
CA TYR C 103 21.87 -11.11 2.95
C TYR C 103 20.58 -10.65 3.63
N ASN C 104 19.57 -11.51 3.63
CA ASN C 104 18.28 -11.19 4.24
C ASN C 104 18.26 -11.44 5.75
N ILE C 105 19.37 -11.91 6.29
CA ILE C 105 19.47 -12.17 7.72
C ILE C 105 20.25 -11.05 8.42
N PHE C 106 19.72 -10.57 9.53
CA PHE C 106 20.39 -9.53 10.31
C PHE C 106 20.25 -9.82 11.79
N GLU C 107 20.92 -9.02 12.62
CA GLU C 107 20.90 -9.27 14.06
C GLU C 107 20.86 -7.99 14.88
N ARG C 108 19.66 -7.60 15.29
CA ARG C 108 19.50 -6.51 16.24
C ARG C 108 19.83 -7.10 17.60
N ALA C 109 21.02 -6.78 18.11
CA ALA C 109 21.52 -7.37 19.36
C ALA C 109 20.47 -7.38 20.47
N HIS C 110 20.37 -8.50 21.18
CA HIS C 110 21.28 -9.64 20.97
C HIS C 110 20.76 -10.66 19.96
N ARG C 111 19.44 -10.71 19.79
CA ARG C 111 18.81 -11.74 18.97
C ARG C 111 19.00 -11.56 17.45
N LYS C 112 18.80 -12.65 16.71
CA LYS C 112 18.96 -12.64 15.26
C LYS C 112 17.62 -12.71 14.52
N TYR C 113 17.46 -11.87 13.51
CA TYR C 113 16.23 -11.81 12.73
C TYR C 113 16.48 -11.99 11.23
N PHE C 114 15.41 -12.10 10.45
CA PHE C 114 15.52 -12.24 9.01
C PHE C 114 14.33 -11.63 8.28
N TYR C 115 14.56 -11.20 7.04
CA TYR C 115 13.49 -10.64 6.22
C TYR C 115 12.76 -11.76 5.46
N THR C 116 11.43 -11.74 5.54
CA THR C 116 10.61 -12.81 4.97
C THR C 116 10.44 -12.70 3.46
N GLY C 117 10.45 -11.47 2.96
CA GLY C 117 10.25 -11.24 1.54
C GLY C 117 8.95 -10.50 1.30
N LEU C 118 8.04 -10.56 2.27
CA LEU C 118 6.80 -9.80 2.19
C LEU C 118 7.10 -8.30 2.31
N LEU C 119 6.38 -7.49 1.55
CA LEU C 119 6.62 -6.06 1.53
C LEU C 119 5.31 -5.27 1.57
N LYS C 120 5.38 -4.06 2.11
CA LYS C 120 4.23 -3.15 2.12
C LYS C 120 4.65 -1.77 1.66
N LYS C 121 3.85 -1.18 0.78
CA LYS C 121 4.08 0.20 0.36
C LYS C 121 2.83 1.04 0.60
N THR C 122 3.01 2.28 1.03
CA THR C 122 1.89 3.12 1.43
C THR C 122 1.93 4.45 0.71
N PHE C 123 0.76 5.07 0.57
CA PHE C 123 0.64 6.37 -0.08
C PHE C 123 -0.55 7.11 0.51
N SER C 124 -0.39 8.40 0.76
CA SER C 124 -1.48 9.22 1.27
C SER C 124 -1.80 10.35 0.31
N LEU C 125 -3.09 10.56 0.06
CA LEU C 125 -3.54 11.60 -0.85
C LEU C 125 -4.58 12.49 -0.19
N LYS C 126 -4.29 13.77 -0.11
CA LYS C 126 -5.25 14.75 0.38
C LYS C 126 -5.94 15.37 -0.83
N PHE C 127 -7.26 15.26 -0.89
CA PHE C 127 -7.99 15.58 -2.11
C PHE C 127 -9.37 16.13 -1.80
N ASN C 128 -9.74 17.24 -2.44
CA ASN C 128 -11.04 17.86 -2.23
C ASN C 128 -12.20 16.97 -2.65
N MET C 129 -13.17 16.81 -1.77
CA MET C 129 -14.31 15.93 -2.02
C MET C 129 -15.59 16.54 -1.44
N THR C 132 -16.15 18.53 -1.65
CA THR C 132 -17.16 19.37 -2.28
C THR C 132 -16.71 20.82 -2.36
N ASP C 133 -17.62 21.73 -2.05
CA ASP C 133 -17.40 23.17 -1.99
C ASP C 133 -16.44 23.55 -0.86
N SER C 134 -15.82 24.72 -0.98
CA SER C 134 -14.72 25.12 -0.10
C SER C 134 -13.46 24.34 -0.44
N THR C 135 -12.59 24.22 0.54
CA THR C 135 -11.38 23.46 0.36
C THR C 135 -11.05 22.66 1.61
N LYS C 136 -12.09 22.14 2.24
CA LYS C 136 -11.94 21.07 3.20
C LYS C 136 -11.42 19.84 2.44
N LEU C 137 -10.40 19.19 3.00
CA LEU C 137 -9.67 18.14 2.33
C LEU C 137 -9.80 16.84 3.04
N GLU C 138 -10.11 15.79 2.31
CA GLU C 138 -10.21 14.50 2.90
C GLU C 138 -8.91 13.78 2.64
N THR C 139 -8.57 12.85 3.48
CA THR C 139 -7.32 12.12 3.36
C THR C 139 -7.55 10.65 3.01
N PHE C 140 -6.98 10.22 1.88
CA PHE C 140 -7.12 8.83 1.45
C PHE C 140 -5.81 8.07 1.65
N HIS C 141 -5.91 6.94 2.34
CA HIS C 141 -4.73 6.11 2.61
C HIS C 141 -4.73 4.93 1.67
N LEU C 142 -3.56 4.57 1.16
CA LEU C 142 -3.44 3.41 0.30
C LEU C 142 -2.36 2.47 0.82
N ILE C 143 -2.74 1.21 1.03
CA ILE C 143 -1.81 0.18 1.48
C ILE C 143 -1.76 -0.95 0.46
N ALA C 144 -0.56 -1.35 0.07
CA ALA C 144 -0.42 -2.43 -0.91
C ALA C 144 0.60 -3.46 -0.42
N TYR C 145 0.20 -4.73 -0.42
CA TYR C 145 1.09 -5.80 -0.02
C TYR C 145 1.58 -6.58 -1.24
N TYR C 146 2.84 -6.98 -1.19
CA TYR C 146 3.43 -7.75 -2.27
C TYR C 146 4.70 -8.42 -1.76
N THR C 147 5.39 -9.13 -2.66
CA THR C 147 6.60 -9.84 -2.26
C THR C 147 7.68 -9.71 -3.32
N GLU C 148 8.93 -9.77 -2.88
CA GLU C 148 10.09 -9.71 -3.78
C GLU C 148 9.94 -10.72 -4.90
N LYS C 149 9.50 -11.93 -4.52
CA LYS C 149 9.28 -13.02 -5.47
C LYS C 149 8.35 -12.61 -6.60
N ASP C 150 7.30 -11.88 -6.26
CA ASP C 150 6.31 -11.44 -7.25
C ASP C 150 6.85 -10.34 -8.16
N ILE C 151 7.99 -9.76 -7.79
CA ILE C 151 8.66 -8.75 -8.61
C ILE C 151 9.48 -9.42 -9.70
N HIS C 152 10.07 -10.57 -9.38
CA HIS C 152 10.81 -11.37 -10.34
C HIS C 152 9.86 -11.99 -11.35
N GLN C 153 8.96 -12.83 -10.84
CA GLN C 153 8.02 -13.56 -11.66
C GLN C 153 7.04 -12.63 -12.37
N GLY C 154 6.75 -11.49 -11.75
CA GLY C 154 5.79 -10.55 -12.30
C GLY C 154 4.40 -11.15 -12.33
N SER C 155 4.02 -11.82 -11.24
CA SER C 155 2.76 -12.53 -11.16
C SER C 155 1.58 -11.64 -10.75
N LEU C 156 1.88 -10.43 -10.29
CA LEU C 156 0.83 -9.48 -9.92
C LEU C 156 0.61 -8.47 -11.05
N ARG C 157 -0.64 -8.10 -11.28
CA ARG C 157 -0.99 -7.17 -12.35
C ARG C 157 -1.09 -5.73 -11.88
N ARG C 158 -0.48 -4.83 -12.63
CA ARG C 158 -0.64 -3.40 -12.39
C ARG C 158 -2.01 -2.96 -12.88
N PRO C 159 -2.66 -2.05 -12.14
CA PRO C 159 -3.95 -1.52 -12.58
C PRO C 159 -3.88 -0.91 -13.99
N SER C 160 -2.77 -0.23 -14.29
CA SER C 160 -2.62 0.44 -15.59
C SER C 160 -2.42 -0.55 -16.75
N GLU C 161 -2.20 -1.81 -16.43
CA GLU C 161 -2.10 -2.86 -17.45
C GLU C 161 -3.22 -3.87 -17.27
N ASN C 162 -4.29 -3.44 -16.63
CA ASN C 162 -5.44 -4.29 -16.33
C ASN C 162 -6.71 -3.64 -16.86
N PRO C 163 -7.27 -4.22 -17.93
CA PRO C 163 -8.48 -3.74 -18.60
C PRO C 163 -9.61 -3.39 -17.62
N PHE C 164 -9.65 -4.03 -16.46
CA PHE C 164 -10.71 -3.74 -15.49
C PHE C 164 -10.67 -2.30 -15.00
N PHE C 165 -9.48 -1.72 -14.95
CA PHE C 165 -9.30 -0.37 -14.42
C PHE C 165 -9.41 0.72 -15.49
N HIS C 166 -9.57 0.32 -16.75
CA HIS C 166 -9.60 1.26 -17.86
C HIS C 166 -10.68 2.34 -17.70
N LYS C 167 -11.84 1.94 -17.21
CA LYS C 167 -12.94 2.87 -16.99
C LYS C 167 -12.70 3.79 -15.80
N PHE C 168 -11.58 3.58 -15.11
CA PHE C 168 -11.21 4.42 -13.97
C PHE C 168 -10.20 5.47 -14.36
N ARG C 169 -10.24 5.86 -15.64
CA ARG C 169 -9.37 6.92 -16.15
C ARG C 169 -9.45 8.14 -15.25
N PRO C 170 -8.30 8.62 -14.79
CA PRO C 170 -8.18 9.66 -13.75
C PRO C 170 -8.58 11.06 -14.20
N SER C 171 -9.35 11.77 -13.39
CA SER C 171 -9.65 13.17 -13.64
C SER C 171 -8.36 13.99 -13.50
N GLN C 172 -8.28 15.11 -14.20
CA GLN C 172 -7.06 15.92 -14.17
C GLN C 172 -6.79 16.46 -12.77
N LYS C 173 -7.85 16.75 -12.02
CA LYS C 173 -7.71 17.25 -10.66
C LYS C 173 -6.98 16.24 -9.79
N LEU C 174 -7.21 14.95 -10.07
CA LEU C 174 -6.54 13.88 -9.35
C LEU C 174 -5.07 13.79 -9.76
N LEU C 175 -4.82 13.88 -11.05
CA LEU C 175 -3.46 13.86 -11.57
C LEU C 175 -2.62 15.01 -11.03
N ASP C 176 -3.23 16.20 -10.94
CA ASP C 176 -2.54 17.37 -10.40
C ASP C 176 -2.22 17.19 -8.92
N ALA C 177 -3.23 16.74 -8.17
CA ALA C 177 -3.06 16.47 -6.74
C ALA C 177 -1.96 15.45 -6.48
N LEU C 178 -1.86 14.44 -7.34
CA LEU C 178 -0.88 13.38 -7.18
C LEU C 178 0.55 13.85 -7.42
N GLN C 179 0.73 14.78 -8.34
CA GLN C 179 2.06 15.28 -8.65
C GLN C 179 2.55 16.28 -7.61
N LYS C 180 1.61 16.93 -6.94
CA LYS C 180 1.94 17.89 -5.88
C LYS C 180 2.48 17.20 -4.63
N VAL C 181 2.32 15.89 -4.55
CA VAL C 181 2.70 15.13 -3.36
C VAL C 181 4.19 14.85 -3.27
N ALA C 182 4.76 15.02 -2.08
CA ALA C 182 6.17 14.77 -1.83
C ALA C 182 6.41 14.23 -0.43
N VAL C 183 7.54 13.56 -0.23
CA VAL C 183 7.86 12.92 1.05
C VAL C 183 9.27 13.27 1.47
N GLY C 184 9.45 13.71 2.72
CA GLY C 184 10.74 14.16 3.22
C GLY C 184 11.35 15.18 2.28
N ASN C 185 12.63 15.03 1.95
CA ASN C 185 13.17 15.79 0.82
C ASN C 185 12.66 15.19 -0.48
N GLY C 186 12.35 16.03 -1.46
CA GLY C 186 11.75 15.54 -2.69
C GLY C 186 12.73 14.89 -3.63
N ARG C 187 13.75 14.29 -3.05
CA ARG C 187 14.88 13.81 -3.78
C ARG C 187 14.91 12.35 -4.10
N SER C 188 13.98 11.59 -3.56
CA SER C 188 13.87 10.17 -3.83
C SER C 188 13.33 9.91 -5.24
N ASN C 189 14.07 9.13 -6.02
CA ASN C 189 13.71 8.86 -7.41
C ASN C 189 14.40 7.62 -7.98
N PRO C 190 13.94 6.43 -7.57
CA PRO C 190 14.51 5.14 -8.00
C PRO C 190 14.46 4.93 -9.51
N SER C 191 15.29 4.03 -10.02
CA SER C 191 15.34 3.71 -11.45
C SER C 191 14.26 2.71 -11.84
#